data_3B42
#
_entry.id   3B42
#
_cell.length_a   45.720
_cell.length_b   70.740
_cell.length_c   81.370
_cell.angle_alpha   90.00
_cell.angle_beta   90.00
_cell.angle_gamma   90.00
#
_symmetry.space_group_name_H-M   'P 21 21 21'
#
loop_
_entity.id
_entity.type
_entity.pdbx_description
1 polymer 'Methyl-accepting chemotaxis protein, putative'
2 non-polymer 'PROTOPORPHYRIN IX CONTAINING FE'
3 water water
#
_entity_poly.entity_id   1
_entity_poly.type   'polypeptide(L)'
_entity_poly.pdbx_seq_one_letter_code
;RSSLDLQLKNARNLAGLIIHDIDGYMMKGDSSEVDRFISAVKSKNFIMDLRVFDEQAKEVSPTPSQTPNAKIQQAIAAGR
TLEFKETLDGKRTLSLVLPFPNEQRCQSCHDAGAAYLGGLLVTTSIEEGYEGARH
;
_entity_poly.pdbx_strand_id   A,B
#
loop_
_chem_comp.id
_chem_comp.type
_chem_comp.name
_chem_comp.formula
HEM non-polymer 'PROTOPORPHYRIN IX CONTAINING FE' 'C34 H32 Fe N4 O4'
#
# COMPACT_ATOMS: atom_id res chain seq x y z
N SER A 2 -18.52 1.74 -11.64
CA SER A 2 -17.72 2.89 -11.12
C SER A 2 -17.10 2.55 -9.77
N SER A 3 -17.94 2.09 -8.83
CA SER A 3 -17.46 1.73 -7.51
C SER A 3 -16.53 0.53 -7.57
N LEU A 4 -16.84 -0.40 -8.49
CA LEU A 4 -16.02 -1.59 -8.63
C LEU A 4 -14.70 -1.26 -9.33
N ASP A 5 -14.78 -0.47 -10.40
CA ASP A 5 -13.56 -0.10 -11.12
C ASP A 5 -12.58 0.57 -10.19
N LEU A 6 -13.10 1.45 -9.33
CA LEU A 6 -12.27 2.16 -8.38
C LEU A 6 -11.60 1.16 -7.43
N GLN A 7 -12.39 0.19 -6.98
CA GLN A 7 -11.90 -0.84 -6.07
C GLN A 7 -10.81 -1.68 -6.79
N LEU A 8 -11.04 -1.99 -8.06
CA LEU A 8 -10.07 -2.78 -8.83
C LEU A 8 -8.78 -2.00 -9.05
N LYS A 9 -8.92 -0.72 -9.40
CA LYS A 9 -7.75 0.12 -9.65
C LYS A 9 -6.92 0.22 -8.37
N ASN A 10 -7.59 0.50 -7.26
CA ASN A 10 -6.91 0.61 -5.98
C ASN A 10 -6.19 -0.69 -5.60
N ALA A 11 -6.82 -1.83 -5.90
CA ALA A 11 -6.23 -3.13 -5.60
C ALA A 11 -4.96 -3.38 -6.39
N ARG A 12 -4.98 -3.04 -7.68
CA ARG A 12 -3.81 -3.24 -8.53
C ARG A 12 -2.66 -2.35 -8.09
N ASN A 13 -2.97 -1.14 -7.66
CA ASN A 13 -1.95 -0.23 -7.19
C ASN A 13 -1.38 -0.75 -5.87
N LEU A 14 -2.23 -1.37 -5.07
CA LEU A 14 -1.78 -1.92 -3.81
C LEU A 14 -0.76 -3.01 -4.08
N ALA A 15 -1.05 -3.85 -5.08
CA ALA A 15 -0.14 -4.93 -5.45
C ALA A 15 1.19 -4.35 -5.94
N GLY A 16 1.11 -3.28 -6.73
CA GLY A 16 2.30 -2.64 -7.23
C GLY A 16 3.15 -2.14 -6.06
N LEU A 17 2.48 -1.55 -5.08
CA LEU A 17 3.15 -1.05 -3.89
C LEU A 17 3.85 -2.20 -3.13
N ILE A 18 3.14 -3.30 -2.94
CA ILE A 18 3.69 -4.42 -2.22
C ILE A 18 4.91 -5.04 -2.89
N ILE A 19 4.89 -5.19 -4.21
CA ILE A 19 6.06 -5.80 -4.82
C ILE A 19 7.23 -4.82 -4.76
N HIS A 20 6.97 -3.52 -4.91
CA HIS A 20 8.04 -2.54 -4.85
C HIS A 20 8.63 -2.49 -3.45
N ASP A 21 7.76 -2.69 -2.46
CA ASP A 21 8.19 -2.71 -1.06
C ASP A 21 9.10 -3.92 -0.85
N ILE A 22 8.61 -5.09 -1.22
CA ILE A 22 9.38 -6.31 -1.01
C ILE A 22 10.66 -6.38 -1.86
N ASP A 23 10.69 -5.65 -2.96
CA ASP A 23 11.90 -5.64 -3.79
C ASP A 23 13.08 -5.17 -2.94
N GLY A 24 12.83 -4.18 -2.09
CA GLY A 24 13.87 -3.66 -1.22
C GLY A 24 14.41 -4.71 -0.26
N TYR A 25 13.52 -5.58 0.19
CA TYR A 25 13.92 -6.65 1.08
C TYR A 25 14.59 -7.79 0.32
N MET A 26 14.25 -7.93 -0.95
CA MET A 26 14.86 -8.98 -1.77
C MET A 26 16.31 -8.58 -2.01
N MET A 27 16.55 -7.27 -2.13
CA MET A 27 17.90 -6.77 -2.37
C MET A 27 18.86 -7.11 -1.25
N LYS A 28 18.33 -7.49 -0.08
CA LYS A 28 19.17 -7.85 1.06
C LYS A 28 19.74 -9.26 0.98
N GLY A 29 19.10 -10.13 0.19
CA GLY A 29 19.58 -11.50 0.07
C GLY A 29 19.49 -12.19 1.40
N ASP A 30 18.42 -11.90 2.14
CA ASP A 30 18.19 -12.47 3.47
C ASP A 30 16.75 -12.92 3.61
N SER A 31 16.55 -14.24 3.58
CA SER A 31 15.22 -14.83 3.69
C SER A 31 14.53 -14.38 4.98
N SER A 32 15.32 -14.23 6.03
CA SER A 32 14.81 -13.80 7.33
C SER A 32 14.05 -12.48 7.20
N GLU A 33 14.61 -11.57 6.41
CA GLU A 33 14.01 -10.26 6.20
C GLU A 33 12.69 -10.36 5.42
N VAL A 34 12.61 -11.30 4.49
CA VAL A 34 11.40 -11.49 3.70
C VAL A 34 10.26 -11.99 4.57
N ASP A 35 10.56 -12.97 5.43
CA ASP A 35 9.55 -13.52 6.33
C ASP A 35 8.99 -12.44 7.25
N ARG A 36 9.88 -11.64 7.82
CA ARG A 36 9.49 -10.57 8.73
C ARG A 36 8.64 -9.50 8.05
N PHE A 37 8.95 -9.19 6.80
CA PHE A 37 8.19 -8.20 6.06
C PHE A 37 6.76 -8.68 5.88
N ILE A 38 6.60 -9.90 5.38
CA ILE A 38 5.29 -10.51 5.16
C ILE A 38 4.46 -10.49 6.44
N SER A 39 5.07 -10.84 7.57
CA SER A 39 4.34 -10.84 8.83
C SER A 39 3.96 -9.41 9.21
N ALA A 40 4.86 -8.47 8.96
CA ALA A 40 4.62 -7.07 9.31
C ALA A 40 3.50 -6.41 8.52
N VAL A 41 3.44 -6.64 7.21
CA VAL A 41 2.41 -6.02 6.38
C VAL A 41 1.01 -6.56 6.61
N LYS A 42 0.91 -7.80 7.07
CA LYS A 42 -0.40 -8.39 7.34
C LYS A 42 -0.90 -8.01 8.72
N SER A 43 0.03 -7.68 9.61
CA SER A 43 -0.32 -7.31 10.97
C SER A 43 -1.13 -6.02 11.07
N LYS A 44 -1.74 -5.83 12.23
CA LYS A 44 -2.55 -4.65 12.51
C LYS A 44 -1.70 -3.39 12.67
N ASN A 45 -0.39 -3.57 12.78
CA ASN A 45 0.48 -2.41 12.94
C ASN A 45 1.10 -1.92 11.64
N PHE A 46 0.66 -2.46 10.52
CA PHE A 46 1.17 -2.02 9.22
C PHE A 46 0.67 -0.59 9.03
N ILE A 47 -0.61 -0.38 9.27
CA ILE A 47 -1.21 0.94 9.18
C ILE A 47 -1.90 1.15 10.52
N MET A 48 -1.13 1.64 11.48
CA MET A 48 -1.62 1.87 12.85
C MET A 48 -2.54 3.07 12.98
N ASP A 49 -2.36 4.04 12.08
CA ASP A 49 -3.17 5.25 12.12
C ASP A 49 -3.22 5.81 10.71
N LEU A 50 -4.32 6.47 10.39
CA LEU A 50 -4.50 7.05 9.06
C LEU A 50 -5.56 8.11 9.23
N ARG A 51 -5.13 9.38 9.12
CA ARG A 51 -6.05 10.50 9.26
C ARG A 51 -5.93 11.45 8.09
N VAL A 52 -7.06 12.03 7.70
CA VAL A 52 -7.13 12.94 6.57
C VAL A 52 -7.60 14.29 7.08
N PHE A 53 -6.90 15.35 6.67
CA PHE A 53 -7.20 16.70 7.13
C PHE A 53 -7.60 17.66 6.01
N ASP A 54 -8.38 18.69 6.36
CA ASP A 54 -8.80 19.68 5.37
C ASP A 54 -7.70 20.73 5.17
N GLU A 55 -7.95 21.71 4.31
CA GLU A 55 -6.96 22.73 4.03
C GLU A 55 -6.53 23.53 5.28
N GLN A 56 -7.39 23.54 6.28
CA GLN A 56 -7.09 24.28 7.52
C GLN A 56 -6.34 23.39 8.51
N ALA A 57 -5.83 22.26 8.02
CA ALA A 57 -5.09 21.31 8.85
C ALA A 57 -5.94 20.69 9.95
N LYS A 58 -7.26 20.69 9.78
CA LYS A 58 -8.16 20.10 10.78
C LYS A 58 -8.65 18.73 10.30
N GLU A 59 -8.53 17.72 11.16
CA GLU A 59 -8.97 16.39 10.78
C GLU A 59 -10.42 16.32 10.34
N VAL A 60 -10.66 15.57 9.29
CA VAL A 60 -12.01 15.35 8.77
C VAL A 60 -12.35 13.87 8.97
N SER A 61 -11.40 13.01 8.59
CA SER A 61 -11.61 11.57 8.69
C SER A 61 -10.44 10.89 9.42
N PRO A 62 -10.75 9.90 10.27
CA PRO A 62 -12.07 9.36 10.59
C PRO A 62 -12.84 10.13 11.69
N THR A 63 -12.15 11.02 12.39
CA THR A 63 -12.77 11.79 13.46
C THR A 63 -12.67 13.30 13.28
N PRO A 64 -13.76 13.94 12.82
CA PRO A 64 -13.81 15.39 12.59
C PRO A 64 -13.34 16.18 13.82
N SER A 65 -12.53 17.20 13.59
CA SER A 65 -12.01 18.01 14.68
C SER A 65 -11.97 19.47 14.24
N GLN A 66 -11.98 20.38 15.20
CA GLN A 66 -11.90 21.80 14.87
C GLN A 66 -10.57 22.37 15.34
N THR A 67 -9.65 21.50 15.71
CA THR A 67 -8.34 21.92 16.19
C THR A 67 -7.27 21.52 15.15
N PRO A 68 -6.57 22.51 14.58
CA PRO A 68 -5.52 22.27 13.58
C PRO A 68 -4.40 21.38 14.08
N ASN A 69 -3.81 20.61 13.17
CA ASN A 69 -2.69 19.73 13.47
C ASN A 69 -1.44 20.42 12.92
N ALA A 70 -0.54 20.81 13.83
CA ALA A 70 0.68 21.52 13.46
C ALA A 70 1.53 20.87 12.37
N LYS A 71 1.76 19.57 12.46
CA LYS A 71 2.54 18.88 11.44
C LYS A 71 1.88 19.03 10.08
N ILE A 72 0.56 18.83 10.05
CA ILE A 72 -0.18 18.95 8.80
C ILE A 72 -0.05 20.37 8.27
N GLN A 73 -0.15 21.33 9.18
CA GLN A 73 -0.02 22.75 8.86
C GLN A 73 1.29 23.01 8.12
N GLN A 74 2.38 22.48 8.69
CA GLN A 74 3.71 22.64 8.12
C GLN A 74 3.85 21.96 6.77
N ALA A 75 3.35 20.72 6.68
CA ALA A 75 3.41 19.96 5.45
C ALA A 75 2.71 20.71 4.31
N ILE A 76 1.57 21.29 4.63
CA ILE A 76 0.79 22.05 3.65
C ILE A 76 1.50 23.35 3.27
N ALA A 77 1.95 24.10 4.28
CA ALA A 77 2.63 25.36 4.05
C ALA A 77 3.89 25.20 3.19
N ALA A 78 4.68 24.17 3.50
CA ALA A 78 5.92 23.92 2.77
C ALA A 78 5.72 23.00 1.56
N GLY A 79 4.52 22.45 1.43
CA GLY A 79 4.25 21.57 0.31
C GLY A 79 5.24 20.43 0.21
N ARG A 80 5.58 19.85 1.37
CA ARG A 80 6.52 18.74 1.41
C ARG A 80 6.12 17.66 2.40
N THR A 81 6.72 16.49 2.24
CA THR A 81 6.45 15.35 3.12
C THR A 81 7.35 15.44 4.33
N LEU A 82 6.76 15.27 5.51
CA LEU A 82 7.50 15.30 6.75
C LEU A 82 7.39 13.88 7.32
N GLU A 83 8.36 13.50 8.13
CA GLU A 83 8.33 12.17 8.73
C GLU A 83 8.99 12.26 10.10
N PHE A 84 8.44 11.54 11.06
CA PHE A 84 8.98 11.55 12.41
C PHE A 84 8.69 10.25 13.13
N LYS A 85 9.59 9.87 14.01
CA LYS A 85 9.46 8.63 14.77
C LYS A 85 8.67 8.87 16.05
N GLU A 86 7.93 7.85 16.47
CA GLU A 86 7.15 7.92 17.70
C GLU A 86 6.97 6.52 18.23
N THR A 87 6.86 6.38 19.54
CA THR A 87 6.64 5.08 20.13
C THR A 87 5.18 5.07 20.55
N LEU A 88 4.37 4.33 19.79
CA LEU A 88 2.94 4.24 20.03
C LEU A 88 2.56 2.87 20.58
N ASP A 89 1.78 2.88 21.66
CA ASP A 89 1.35 1.66 22.32
C ASP A 89 2.54 0.72 22.43
N GLY A 90 3.67 1.27 22.88
CA GLY A 90 4.88 0.48 23.06
C GLY A 90 5.68 0.10 21.83
N LYS A 91 5.25 0.54 20.65
CA LYS A 91 5.96 0.19 19.42
C LYS A 91 6.66 1.38 18.75
N ARG A 92 7.84 1.14 18.19
CA ARG A 92 8.56 2.19 17.48
C ARG A 92 7.85 2.30 16.13
N THR A 93 7.52 3.51 15.72
CA THR A 93 6.80 3.71 14.46
C THR A 93 7.36 4.89 13.68
N LEU A 94 6.90 5.01 12.44
CA LEU A 94 7.28 6.12 11.58
C LEU A 94 5.97 6.75 11.11
N SER A 95 5.83 8.05 11.31
CA SER A 95 4.63 8.75 10.86
C SER A 95 5.01 9.68 9.73
N LEU A 96 4.20 9.68 8.69
CA LEU A 96 4.43 10.54 7.55
C LEU A 96 3.26 11.49 7.41
N VAL A 97 3.57 12.75 7.11
CA VAL A 97 2.56 13.77 6.92
C VAL A 97 2.83 14.41 5.56
N LEU A 98 1.83 14.42 4.70
CA LEU A 98 1.99 15.01 3.38
C LEU A 98 0.73 15.69 2.90
N PRO A 99 0.88 16.73 2.06
CA PRO A 99 -0.27 17.45 1.54
C PRO A 99 -0.89 16.82 0.30
N PHE A 100 -2.15 17.15 0.07
CA PHE A 100 -2.88 16.68 -1.11
C PHE A 100 -2.73 17.78 -2.15
N PRO A 101 -2.01 17.50 -3.25
CA PRO A 101 -1.83 18.49 -4.31
C PRO A 101 -3.19 18.84 -4.93
N ASN A 102 -3.45 20.13 -5.12
CA ASN A 102 -4.71 20.55 -5.71
C ASN A 102 -4.61 20.54 -7.23
N GLU A 103 -4.78 19.36 -7.82
CA GLU A 103 -4.68 19.20 -9.27
C GLU A 103 -5.82 19.94 -9.96
N GLN A 104 -5.63 20.34 -11.21
CA GLN A 104 -6.67 21.08 -11.92
C GLN A 104 -8.03 20.38 -11.91
N ARG A 105 -8.03 19.06 -12.07
CA ARG A 105 -9.28 18.30 -12.09
C ARG A 105 -10.13 18.43 -10.83
N CYS A 106 -9.52 18.86 -9.73
CA CYS A 106 -10.23 18.99 -8.46
C CYS A 106 -11.05 20.27 -8.37
N GLN A 107 -10.81 21.21 -9.28
CA GLN A 107 -11.50 22.50 -9.27
C GLN A 107 -13.01 22.43 -9.36
N SER A 108 -13.53 21.30 -9.84
CA SER A 108 -14.97 21.15 -9.96
C SER A 108 -15.70 21.29 -8.63
N CYS A 109 -15.01 20.97 -7.53
CA CYS A 109 -15.65 21.06 -6.21
C CYS A 109 -14.80 21.82 -5.21
N HIS A 110 -13.55 22.09 -5.57
CA HIS A 110 -12.63 22.78 -4.67
C HIS A 110 -12.15 24.12 -5.20
N ASP A 111 -11.62 24.94 -4.30
CA ASP A 111 -11.09 26.25 -4.65
C ASP A 111 -9.89 26.05 -5.58
N ALA A 112 -10.06 26.47 -6.84
CA ALA A 112 -9.00 26.32 -7.84
C ALA A 112 -7.69 27.01 -7.46
N GLY A 113 -7.77 28.00 -6.58
CA GLY A 113 -6.57 28.72 -6.18
C GLY A 113 -5.72 28.10 -5.09
N ALA A 114 -6.23 27.09 -4.39
CA ALA A 114 -5.44 26.46 -3.34
C ALA A 114 -4.21 25.77 -3.92
N ALA A 115 -3.14 25.71 -3.15
CA ALA A 115 -1.94 25.03 -3.60
C ALA A 115 -2.17 23.56 -3.23
N TYR A 116 -2.73 23.34 -2.06
CA TYR A 116 -3.03 21.99 -1.55
C TYR A 116 -4.43 21.98 -0.93
N LEU A 117 -5.10 20.83 -0.98
CA LEU A 117 -6.46 20.71 -0.46
C LEU A 117 -6.58 20.11 0.94
N GLY A 118 -5.45 19.69 1.49
CA GLY A 118 -5.49 19.12 2.82
C GLY A 118 -4.23 18.32 3.06
N GLY A 119 -4.31 17.40 4.02
CA GLY A 119 -3.15 16.58 4.33
C GLY A 119 -3.55 15.18 4.73
N LEU A 120 -2.55 14.31 4.76
CA LEU A 120 -2.73 12.93 5.14
C LEU A 120 -1.65 12.63 6.16
N LEU A 121 -2.00 11.84 7.17
CA LEU A 121 -1.04 11.43 8.19
C LEU A 121 -1.19 9.92 8.27
N VAL A 122 -0.09 9.19 8.08
CA VAL A 122 -0.14 7.74 8.16
C VAL A 122 1.00 7.27 9.04
N THR A 123 0.69 6.33 9.93
CA THR A 123 1.67 5.81 10.85
C THR A 123 1.82 4.32 10.65
N THR A 124 3.05 3.86 10.52
CA THR A 124 3.32 2.45 10.32
C THR A 124 4.39 1.98 11.29
N SER A 125 4.29 0.73 11.73
CA SER A 125 5.28 0.18 12.66
C SER A 125 6.60 -0.13 11.97
N ILE A 126 7.71 0.12 12.66
CA ILE A 126 9.04 -0.18 12.12
C ILE A 126 9.77 -1.02 13.17
N GLU A 127 9.02 -1.79 13.94
CA GLU A 127 9.58 -2.65 14.97
C GLU A 127 10.28 -3.85 14.34
N SER B 3 17.17 -1.49 7.74
CA SER B 3 17.48 -0.11 7.27
C SER B 3 16.27 0.79 7.36
N LEU B 4 16.45 1.94 8.01
CA LEU B 4 15.38 2.90 8.19
C LEU B 4 15.02 3.56 6.87
N ASP B 5 16.02 3.80 6.04
CA ASP B 5 15.78 4.44 4.75
C ASP B 5 14.87 3.63 3.85
N LEU B 6 15.00 2.31 3.92
CA LEU B 6 14.15 1.43 3.12
C LEU B 6 12.72 1.51 3.65
N GLN B 7 12.59 1.49 4.97
CA GLN B 7 11.27 1.59 5.61
C GLN B 7 10.62 2.92 5.28
N LEU B 8 11.43 3.98 5.24
CA LEU B 8 10.92 5.32 4.95
C LEU B 8 10.45 5.39 3.50
N LYS B 9 11.27 4.87 2.58
CA LYS B 9 10.91 4.88 1.17
C LYS B 9 9.59 4.12 0.98
N ASN B 10 9.51 2.95 1.61
CA ASN B 10 8.30 2.14 1.52
C ASN B 10 7.11 2.91 2.13
N ALA B 11 7.36 3.55 3.27
CA ALA B 11 6.30 4.33 3.93
C ALA B 11 5.83 5.44 3.00
N ARG B 12 6.78 6.11 2.35
CA ARG B 12 6.44 7.19 1.45
C ARG B 12 5.54 6.71 0.32
N ASN B 13 5.85 5.56 -0.25
CA ASN B 13 5.03 5.04 -1.34
C ASN B 13 3.65 4.62 -0.82
N LEU B 14 3.57 4.17 0.43
CA LEU B 14 2.29 3.79 1.02
C LEU B 14 1.43 5.03 1.11
N ALA B 15 2.03 6.14 1.53
CA ALA B 15 1.32 7.40 1.63
C ALA B 15 0.85 7.80 0.24
N GLY B 16 1.71 7.57 -0.75
CA GLY B 16 1.35 7.92 -2.12
C GLY B 16 0.17 7.12 -2.61
N LEU B 17 0.13 5.84 -2.27
CA LEU B 17 -0.98 4.98 -2.69
C LEU B 17 -2.28 5.50 -2.09
N ILE B 18 -2.25 5.76 -0.78
CA ILE B 18 -3.43 6.24 -0.07
C ILE B 18 -3.94 7.54 -0.68
N ILE B 19 -3.04 8.47 -0.96
CA ILE B 19 -3.46 9.73 -1.55
C ILE B 19 -4.09 9.45 -2.92
N HIS B 20 -3.47 8.58 -3.69
CA HIS B 20 -4.00 8.24 -5.01
C HIS B 20 -5.35 7.52 -4.88
N ASP B 21 -5.50 6.70 -3.85
CA ASP B 21 -6.76 6.00 -3.62
C ASP B 21 -7.86 7.00 -3.27
N ILE B 22 -7.56 7.92 -2.35
CA ILE B 22 -8.54 8.90 -1.93
C ILE B 22 -8.86 9.84 -3.09
N ASP B 23 -7.87 10.13 -3.93
CA ASP B 23 -8.11 10.99 -5.08
C ASP B 23 -9.20 10.35 -5.93
N GLY B 24 -9.15 9.03 -6.04
CA GLY B 24 -10.14 8.31 -6.82
C GLY B 24 -11.53 8.50 -6.24
N TYR B 25 -11.69 8.23 -4.95
CA TYR B 25 -12.98 8.40 -4.30
C TYR B 25 -13.53 9.80 -4.55
N MET B 26 -12.64 10.78 -4.49
CA MET B 26 -13.03 12.17 -4.71
C MET B 26 -13.56 12.45 -6.12
N MET B 27 -12.76 12.13 -7.13
CA MET B 27 -13.15 12.37 -8.50
C MET B 27 -14.41 11.58 -8.89
N LYS B 28 -14.62 10.44 -8.24
CA LYS B 28 -15.78 9.62 -8.52
C LYS B 28 -17.00 10.18 -7.81
N GLY B 29 -16.79 11.24 -7.04
CA GLY B 29 -17.88 11.85 -6.29
C GLY B 29 -18.22 11.08 -5.04
N ASP B 30 -17.27 10.29 -4.55
CA ASP B 30 -17.48 9.49 -3.35
C ASP B 30 -16.69 9.99 -2.14
N SER B 31 -16.63 11.30 -1.97
CA SER B 31 -15.91 11.88 -0.84
C SER B 31 -16.39 11.34 0.50
N SER B 32 -17.68 11.02 0.58
CA SER B 32 -18.28 10.52 1.82
C SER B 32 -17.85 9.11 2.22
N GLU B 33 -17.15 8.40 1.35
CA GLU B 33 -16.71 7.04 1.65
C GLU B 33 -15.31 6.94 2.23
N VAL B 34 -14.65 8.09 2.41
CA VAL B 34 -13.30 8.10 2.95
C VAL B 34 -13.19 7.41 4.30
N ASP B 35 -14.15 7.65 5.20
CA ASP B 35 -14.11 7.01 6.51
C ASP B 35 -14.16 5.51 6.38
N ARG B 36 -14.99 5.02 5.46
CA ARG B 36 -15.14 3.59 5.24
C ARG B 36 -13.83 3.06 4.64
N PHE B 37 -13.24 3.84 3.75
CA PHE B 37 -11.97 3.46 3.13
C PHE B 37 -10.90 3.28 4.21
N ILE B 38 -10.85 4.22 5.15
CA ILE B 38 -9.86 4.18 6.23
C ILE B 38 -10.01 2.93 7.10
N SER B 39 -11.24 2.62 7.50
CA SER B 39 -11.47 1.43 8.31
C SER B 39 -10.99 0.19 7.54
N ALA B 40 -11.33 0.14 6.25
CA ALA B 40 -10.94 -1.00 5.42
C ALA B 40 -9.42 -1.16 5.29
N VAL B 41 -8.72 -0.05 5.13
CA VAL B 41 -7.26 -0.07 4.99
C VAL B 41 -6.54 -0.51 6.26
N LYS B 42 -7.13 -0.20 7.42
CA LYS B 42 -6.53 -0.59 8.70
C LYS B 42 -6.95 -1.99 9.11
N SER B 43 -7.98 -2.52 8.46
CA SER B 43 -8.49 -3.85 8.79
C SER B 43 -7.61 -4.98 8.30
N LYS B 44 -7.87 -6.18 8.81
CA LYS B 44 -7.11 -7.36 8.43
C LYS B 44 -7.43 -7.77 7.00
N ASN B 45 -8.42 -7.11 6.40
CA ASN B 45 -8.83 -7.42 5.04
C ASN B 45 -8.06 -6.64 3.95
N PHE B 46 -7.15 -5.76 4.36
CA PHE B 46 -6.37 -4.96 3.42
C PHE B 46 -5.37 -5.85 2.70
N ILE B 47 -4.58 -6.58 3.47
CA ILE B 47 -3.62 -7.53 2.92
C ILE B 47 -4.11 -8.84 3.52
N MET B 48 -5.02 -9.51 2.81
CA MET B 48 -5.59 -10.75 3.32
C MET B 48 -4.66 -11.94 3.19
N ASP B 49 -3.70 -11.86 2.28
CA ASP B 49 -2.74 -12.94 2.09
C ASP B 49 -1.58 -12.39 1.28
N LEU B 50 -0.37 -12.84 1.60
CA LEU B 50 0.82 -12.42 0.89
C LEU B 50 1.79 -13.57 0.93
N ARG B 51 2.12 -14.10 -0.24
CA ARG B 51 3.02 -15.24 -0.32
C ARG B 51 4.06 -15.07 -1.44
N VAL B 52 5.30 -15.47 -1.14
CA VAL B 52 6.41 -15.37 -2.10
C VAL B 52 6.81 -16.77 -2.57
N PHE B 53 7.02 -16.90 -3.89
CA PHE B 53 7.38 -18.17 -4.51
C PHE B 53 8.69 -18.08 -5.31
N ASP B 54 9.43 -19.19 -5.37
CA ASP B 54 10.69 -19.21 -6.11
C ASP B 54 10.46 -19.41 -7.61
N GLU B 55 11.53 -19.52 -8.38
CA GLU B 55 11.42 -19.69 -9.82
C GLU B 55 10.64 -20.94 -10.23
N GLN B 56 10.54 -21.91 -9.33
CA GLN B 56 9.80 -23.14 -9.60
C GLN B 56 8.36 -23.04 -9.12
N ALA B 57 7.92 -21.81 -8.82
CA ALA B 57 6.57 -21.55 -8.36
C ALA B 57 6.22 -22.22 -7.04
N LYS B 58 7.25 -22.55 -6.26
CA LYS B 58 7.04 -23.17 -4.95
C LYS B 58 7.13 -22.09 -3.87
N GLU B 59 6.15 -22.06 -2.98
CA GLU B 59 6.14 -21.07 -1.92
C GLU B 59 7.33 -21.19 -1.01
N VAL B 60 7.97 -20.06 -0.72
CA VAL B 60 9.13 -20.04 0.16
C VAL B 60 8.77 -19.35 1.48
N SER B 61 7.80 -18.45 1.42
CA SER B 61 7.37 -17.72 2.62
C SER B 61 5.93 -17.24 2.47
N PRO B 62 5.17 -17.23 3.58
CA PRO B 62 5.60 -17.65 4.92
C PRO B 62 5.36 -19.13 5.22
N THR B 63 4.85 -19.87 4.23
CA THR B 63 4.59 -21.30 4.40
C THR B 63 5.28 -22.10 3.30
N PRO B 64 6.51 -22.58 3.57
CA PRO B 64 7.27 -23.35 2.59
C PRO B 64 6.46 -24.53 2.07
N SER B 65 6.50 -24.73 0.75
CA SER B 65 5.78 -25.84 0.14
C SER B 65 6.60 -26.41 -1.02
N GLN B 66 6.35 -27.68 -1.33
CA GLN B 66 7.04 -28.33 -2.43
C GLN B 66 6.08 -28.47 -3.60
N THR B 67 4.84 -28.03 -3.39
CA THR B 67 3.83 -28.11 -4.43
C THR B 67 3.73 -26.80 -5.22
N PRO B 68 3.97 -26.86 -6.54
CA PRO B 68 3.93 -25.68 -7.41
C PRO B 68 2.57 -25.00 -7.43
N ASN B 69 2.59 -23.68 -7.53
CA ASN B 69 1.36 -22.90 -7.59
C ASN B 69 1.13 -22.62 -9.07
N ALA B 70 0.06 -23.19 -9.62
CA ALA B 70 -0.27 -23.03 -11.04
C ALA B 70 -0.37 -21.59 -11.53
N LYS B 71 -0.97 -20.72 -10.71
CA LYS B 71 -1.12 -19.32 -11.07
C LYS B 71 0.27 -18.68 -11.12
N ILE B 72 1.03 -18.86 -10.05
CA ILE B 72 2.39 -18.32 -10.00
C ILE B 72 3.17 -18.86 -11.19
N GLN B 73 3.07 -20.16 -11.41
CA GLN B 73 3.78 -20.79 -12.51
C GLN B 73 3.50 -20.11 -13.84
N GLN B 74 2.24 -19.78 -14.10
CA GLN B 74 1.89 -19.12 -15.35
C GLN B 74 2.40 -17.69 -15.38
N ALA B 75 2.32 -17.01 -14.25
CA ALA B 75 2.78 -15.63 -14.17
C ALA B 75 4.25 -15.58 -14.54
N ILE B 76 5.04 -16.50 -13.97
CA ILE B 76 6.48 -16.57 -14.21
C ILE B 76 6.82 -17.00 -15.64
N ALA B 77 6.15 -18.03 -16.13
CA ALA B 77 6.42 -18.54 -17.47
C ALA B 77 5.97 -17.55 -18.55
N ALA B 78 4.89 -16.82 -18.28
CA ALA B 78 4.37 -15.85 -19.23
C ALA B 78 4.99 -14.48 -19.01
N GLY B 79 5.53 -14.27 -17.80
CA GLY B 79 6.11 -12.98 -17.49
C GLY B 79 5.03 -11.91 -17.45
N ARG B 80 3.85 -12.26 -16.95
CA ARG B 80 2.74 -11.32 -16.86
C ARG B 80 2.02 -11.40 -15.51
N THR B 81 1.27 -10.35 -15.18
CA THR B 81 0.51 -10.28 -13.93
C THR B 81 -0.90 -10.83 -14.13
N LEU B 82 -1.29 -11.76 -13.26
CA LEU B 82 -2.61 -12.36 -13.34
C LEU B 82 -3.47 -11.94 -12.15
N GLU B 83 -4.74 -11.64 -12.39
CA GLU B 83 -5.62 -11.26 -11.29
C GLU B 83 -6.91 -12.05 -11.37
N PHE B 84 -7.41 -12.49 -10.23
CA PHE B 84 -8.65 -13.25 -10.20
C PHE B 84 -9.48 -12.94 -8.96
N LYS B 85 -10.79 -12.88 -9.17
CA LYS B 85 -11.72 -12.60 -8.09
C LYS B 85 -11.96 -13.89 -7.34
N GLU B 86 -12.06 -13.79 -6.02
CA GLU B 86 -12.25 -14.97 -5.20
C GLU B 86 -12.97 -14.54 -3.93
N THR B 87 -13.85 -15.41 -3.43
CA THR B 87 -14.58 -15.15 -2.21
C THR B 87 -13.79 -15.84 -1.10
N LEU B 88 -13.13 -15.04 -0.26
CA LEU B 88 -12.32 -15.57 0.83
C LEU B 88 -12.65 -14.87 2.15
N ASP B 89 -12.41 -15.57 3.25
CA ASP B 89 -12.66 -15.04 4.59
C ASP B 89 -13.98 -14.29 4.68
N GLY B 90 -14.98 -14.77 3.94
CA GLY B 90 -16.28 -14.14 3.95
C GLY B 90 -16.35 -12.81 3.23
N LYS B 91 -15.51 -12.62 2.21
CA LYS B 91 -15.52 -11.38 1.46
C LYS B 91 -15.12 -11.57 0.00
N ARG B 92 -15.61 -10.66 -0.84
CA ARG B 92 -15.27 -10.67 -2.26
C ARG B 92 -13.86 -10.07 -2.28
N THR B 93 -12.92 -10.78 -2.89
CA THR B 93 -11.55 -10.31 -2.94
C THR B 93 -10.96 -10.39 -4.32
N LEU B 94 -9.82 -9.74 -4.47
CA LEU B 94 -9.08 -9.78 -5.72
C LEU B 94 -7.69 -10.27 -5.36
N SER B 95 -7.25 -11.34 -6.00
CA SER B 95 -5.91 -11.86 -5.76
C SER B 95 -5.10 -11.52 -6.99
N LEU B 96 -3.91 -10.97 -6.78
CA LEU B 96 -3.04 -10.61 -7.89
C LEU B 96 -1.75 -11.41 -7.81
N VAL B 97 -1.38 -12.02 -8.93
CA VAL B 97 -0.17 -12.83 -9.02
C VAL B 97 0.83 -12.10 -9.90
N LEU B 98 1.94 -11.68 -9.30
CA LEU B 98 2.96 -10.95 -10.02
C LEU B 98 4.31 -11.65 -10.05
N PRO B 99 4.95 -11.67 -11.21
CA PRO B 99 6.26 -12.31 -11.34
C PRO B 99 7.31 -11.27 -10.97
N PHE B 100 8.43 -11.70 -10.41
CA PHE B 100 9.51 -10.79 -10.04
C PHE B 100 10.48 -10.62 -11.20
N PRO B 101 10.44 -9.48 -11.88
CA PRO B 101 11.38 -9.33 -12.99
C PRO B 101 12.81 -9.22 -12.45
N ASN B 102 13.76 -9.86 -13.13
CA ASN B 102 15.16 -9.82 -12.72
C ASN B 102 15.78 -8.52 -13.19
N GLU B 103 15.47 -7.43 -12.48
CA GLU B 103 15.98 -6.11 -12.83
C GLU B 103 17.49 -6.03 -12.70
N GLN B 104 18.07 -4.95 -13.23
CA GLN B 104 19.51 -4.76 -13.19
C GLN B 104 20.08 -4.85 -11.77
N ARG B 105 19.45 -4.16 -10.82
CA ARG B 105 19.93 -4.18 -9.44
C ARG B 105 19.96 -5.60 -8.88
N CYS B 106 18.98 -6.41 -9.27
CA CYS B 106 18.87 -7.79 -8.80
C CYS B 106 19.99 -8.67 -9.35
N GLN B 107 20.42 -8.35 -10.55
CA GLN B 107 21.47 -9.10 -11.24
C GLN B 107 22.84 -9.06 -10.57
N SER B 108 23.00 -8.19 -9.59
CA SER B 108 24.28 -8.13 -8.89
C SER B 108 24.51 -9.47 -8.18
N CYS B 109 23.43 -10.22 -7.97
CA CYS B 109 23.52 -11.54 -7.32
C CYS B 109 22.90 -12.64 -8.19
N HIS B 110 21.80 -12.32 -8.85
CA HIS B 110 21.10 -13.28 -9.71
C HIS B 110 21.65 -13.21 -11.14
N ASP B 111 22.28 -14.27 -11.62
CA ASP B 111 22.82 -14.24 -12.98
C ASP B 111 21.69 -13.85 -13.93
N ALA B 112 21.96 -12.87 -14.79
CA ALA B 112 20.99 -12.36 -15.75
C ALA B 112 20.34 -13.40 -16.65
N GLY B 113 20.70 -14.67 -16.47
CA GLY B 113 20.11 -15.70 -17.30
C GLY B 113 18.61 -15.80 -17.13
N ALA B 114 18.14 -15.63 -15.89
CA ALA B 114 16.71 -15.72 -15.61
C ALA B 114 15.98 -14.39 -15.84
N ALA B 115 14.86 -14.45 -16.54
CA ALA B 115 14.06 -13.26 -16.83
C ALA B 115 13.25 -12.88 -15.61
N TYR B 116 12.79 -13.89 -14.87
CA TYR B 116 12.01 -13.68 -13.67
C TYR B 116 12.58 -14.57 -12.58
N LEU B 117 12.55 -14.09 -11.34
CA LEU B 117 13.12 -14.81 -10.22
C LEU B 117 12.13 -15.55 -9.33
N GLY B 118 10.86 -15.43 -9.65
CA GLY B 118 9.86 -16.07 -8.83
C GLY B 118 8.58 -15.28 -8.91
N GLY B 119 7.72 -15.42 -7.90
CA GLY B 119 6.47 -14.70 -7.95
C GLY B 119 5.93 -14.31 -6.59
N LEU B 120 4.93 -13.44 -6.63
CA LEU B 120 4.29 -12.93 -5.44
C LEU B 120 2.78 -13.00 -5.58
N LEU B 121 2.12 -13.42 -4.52
CA LEU B 121 0.66 -13.49 -4.52
C LEU B 121 0.16 -12.53 -3.45
N VAL B 122 -0.76 -11.65 -3.81
CA VAL B 122 -1.31 -10.73 -2.84
C VAL B 122 -2.83 -10.72 -2.99
N THR B 123 -3.52 -10.85 -1.87
CA THR B 123 -4.97 -10.86 -1.86
C THR B 123 -5.50 -9.70 -1.01
N THR B 124 -6.43 -8.93 -1.57
CA THR B 124 -7.00 -7.81 -0.84
C THR B 124 -8.51 -7.82 -1.04
N SER B 125 -9.24 -7.36 -0.04
CA SER B 125 -10.69 -7.32 -0.15
C SER B 125 -11.16 -6.20 -1.08
N ILE B 126 -12.19 -6.49 -1.86
CA ILE B 126 -12.78 -5.48 -2.75
C ILE B 126 -14.27 -5.39 -2.43
N GLU B 127 -14.65 -5.92 -1.27
CA GLU B 127 -16.04 -5.94 -0.83
C GLU B 127 -16.61 -4.53 -0.78
N GLU B 128 -15.80 -3.57 -0.34
CA GLU B 128 -16.26 -2.19 -0.24
C GLU B 128 -16.82 -1.72 -1.58
N GLY B 129 -16.38 -2.36 -2.66
CA GLY B 129 -16.86 -1.98 -3.98
C GLY B 129 -18.29 -2.42 -4.25
N TYR B 130 -18.83 -3.26 -3.38
CA TYR B 130 -20.19 -3.77 -3.54
C TYR B 130 -21.11 -3.35 -2.38
N GLU B 131 -20.52 -3.04 -1.23
CA GLU B 131 -21.32 -2.64 -0.08
C GLU B 131 -20.85 -1.31 0.52
CHA HEM C . -12.89 17.19 0.91
CHB HEM C . -9.00 16.31 -1.83
CHC HEM C . -11.75 16.26 -5.81
CHD HEM C . -15.70 16.89 -3.06
C1A HEM C . -11.58 16.99 0.49
C2A HEM C . -10.43 16.91 1.38
C3A HEM C . -9.34 16.63 0.61
C4A HEM C . -9.83 16.55 -0.75
CMA HEM C . -7.90 16.42 1.07
CAA HEM C . -10.44 17.11 2.89
CBA HEM C . -10.30 15.88 3.77
CGA HEM C . -11.48 14.93 3.67
O1A HEM C . -12.63 15.38 3.51
O2A HEM C . -11.26 13.71 3.80
C1B HEM C . -9.43 16.23 -3.15
C2B HEM C . -8.52 16.11 -4.26
C3B HEM C . -9.27 16.13 -5.39
C4B HEM C . -10.66 16.23 -4.96
CMB HEM C . -7.00 16.00 -4.16
CAB HEM C . -8.76 16.06 -6.84
CBB HEM C . -7.97 14.79 -7.16
C1C HEM C . -13.07 16.39 -5.38
C2C HEM C . -14.22 16.47 -6.28
C3C HEM C . -15.31 16.64 -5.51
C4C HEM C . -14.85 16.68 -4.14
CMC HEM C . -14.20 16.46 -7.80
CAC HEM C . -16.74 16.92 -5.99
CBC HEM C . -17.35 15.79 -6.80
C1D HEM C . -15.26 16.99 -1.73
C2D HEM C . -16.16 17.19 -0.62
C3D HEM C . -15.40 17.30 0.48
C4D HEM C . -14.00 17.13 0.06
CMD HEM C . -17.70 17.21 -0.66
CAD HEM C . -15.94 17.52 1.90
CBD HEM C . -15.90 16.21 2.69
CGD HEM C . -16.41 16.39 4.10
O1D HEM C . -15.94 17.32 4.80
O2D HEM C . -17.29 15.60 4.52
NA HEM C . -11.20 16.75 -0.82
NB HEM C . -10.76 16.31 -3.56
NC HEM C . -13.46 16.55 -4.06
ND HEM C . -13.93 16.92 -1.33
FE HEM C . -12.34 16.66 -2.44
CHA HEM D . 16.17 -15.57 -3.72
CHB HEM D . 14.05 -11.98 -6.14
CHC HEM D . 17.99 -9.20 -5.54
CHD HEM D . 20.21 -12.86 -3.23
C1A HEM D . 15.27 -14.84 -4.48
C2A HEM D . 13.95 -15.30 -4.82
C3A HEM D . 13.36 -14.30 -5.50
C4A HEM D . 14.32 -13.22 -5.59
CMA HEM D . 11.92 -14.30 -6.00
CAA HEM D . 13.28 -16.65 -4.49
CBA HEM D . 12.22 -16.54 -3.40
CGA HEM D . 12.81 -16.29 -2.03
O1A HEM D . 12.28 -15.42 -1.31
O2A HEM D . 13.78 -16.98 -1.66
C1B HEM D . 14.95 -10.92 -6.14
C2B HEM D . 14.65 -9.63 -6.73
C3B HEM D . 15.76 -8.86 -6.57
C4B HEM D . 16.74 -9.66 -5.89
CMB HEM D . 13.36 -9.21 -7.45
CAB HEM D . 15.96 -7.42 -7.10
CBB HEM D . 14.91 -6.41 -6.61
C1C HEM D . 18.93 -9.96 -4.86
C2C HEM D . 20.27 -9.48 -4.52
C3C HEM D . 20.89 -10.49 -3.85
C4C HEM D . 19.94 -11.61 -3.80
CMC HEM D . 20.84 -8.12 -4.93
CAC HEM D . 22.33 -10.48 -3.32
CBC HEM D . 22.67 -9.28 -2.44
C1D HEM D . 19.29 -13.90 -3.17
C2D HEM D . 19.48 -15.09 -2.37
C3D HEM D . 18.35 -15.83 -2.50
C4D HEM D . 17.43 -15.10 -3.34
CMD HEM D . 20.64 -15.39 -1.42
CAD HEM D . 18.10 -17.21 -1.88
CBD HEM D . 17.25 -17.26 -0.62
CGD HEM D . 17.82 -16.43 0.53
O1D HEM D . 17.58 -15.20 0.55
O2D HEM D . 18.53 -17.02 1.38
NA HEM D . 15.51 -13.55 -4.93
NB HEM D . 16.25 -10.94 -5.62
NC HEM D . 18.73 -11.27 -4.43
ND HEM D . 18.00 -13.89 -3.73
FE HEM D . 17.13 -12.43 -4.69
#